data_6FFN
#
_entry.id   6FFN
#
_cell.length_a   77.459
_cell.length_b   77.459
_cell.length_c   87.863
_cell.angle_alpha   90.000
_cell.angle_beta   90.000
_cell.angle_gamma   120.000
#
_symmetry.space_group_name_H-M   'P 32 2 1'
#
loop_
_entity.id
_entity.type
_entity.pdbx_description
1 polymer '3C protease'
2 non-polymer ~{N}-[(5~{S},8~{S},11~{S},15~{R})-8-[(4-fluorophenyl)methyl]-5-(hydroxymethyl)-2,7,10,14-tetrakis(oxidanylidene)-1,6,9,13-tetrazabicyclo[13.3.0]octadecan-11-yl]-5-methyl-1,2-oxazole-3-carboxamide
3 non-polymer 'SULFATE ION'
4 non-polymer 'DIMETHYL SULFOXIDE'
5 non-polymer GLYCEROL
6 water water
#
_entity_poly.entity_id   1
_entity_poly.type   'polypeptide(L)'
_entity_poly.pdbx_seq_one_letter_code
;GSGPEEEFGMSLIKHNSCVITTENGKFTGLGVYDRFVVVPTHADPGKEIQVDGITTKVIDSYDLYNKNGIKLEITVLKLD
RNEKFRDIRRYIPNNEDDYPNCNLALLANQPEPTIINVGDVVSYGNILLSGNQTARMLKYSYPTKSGYCGGVLYKIGQVL
GIHVGGNGRDGFSAMLLRSYFT
;
_entity_poly.pdbx_strand_id   A
#
# COMPACT_ATOMS: atom_id res chain seq x y z
N GLY A 1 -8.55 -8.49 17.68
CA GLY A 1 -7.41 -9.36 17.27
C GLY A 1 -6.16 -9.14 18.12
N SER A 2 -5.68 -10.23 18.71
CA SER A 2 -4.33 -10.27 19.29
C SER A 2 -3.65 -11.56 18.82
N GLY A 3 -4.37 -12.31 17.99
CA GLY A 3 -3.92 -13.59 17.48
C GLY A 3 -3.18 -13.46 16.16
N PRO A 4 -3.09 -14.58 15.43
CA PRO A 4 -2.24 -14.68 14.26
C PRO A 4 -2.42 -13.61 13.19
N GLU A 5 -3.67 -13.21 12.87
CA GLU A 5 -3.82 -12.23 11.79
C GLU A 5 -3.27 -10.87 12.21
N GLU A 6 -3.58 -10.44 13.42
CA GLU A 6 -2.97 -9.24 13.97
C GLU A 6 -1.45 -9.37 14.05
N GLU A 7 -0.96 -10.53 14.48
CA GLU A 7 0.47 -10.71 14.67
C GLU A 7 1.26 -10.68 13.36
N PHE A 8 0.69 -11.29 12.33
CA PHE A 8 1.32 -11.20 11.02
C PHE A 8 1.41 -9.75 10.53
N GLY A 9 0.33 -9.00 10.74
CA GLY A 9 0.28 -7.58 10.39
C GLY A 9 1.29 -6.73 11.14
N MET A 10 1.43 -6.97 12.44
CA MET A 10 2.39 -6.17 13.22
C MET A 10 3.81 -6.47 12.76
N SER A 11 4.09 -7.73 12.44
CA SER A 11 5.41 -8.08 11.91
C SER A 11 5.67 -7.42 10.55
N LEU A 12 4.63 -7.41 9.72
CA LEU A 12 4.69 -6.76 8.42
C LEU A 12 4.98 -5.26 8.58
N ILE A 13 4.33 -4.64 9.56
CA ILE A 13 4.60 -3.23 9.85
C ILE A 13 6.05 -3.01 10.27
N LYS A 14 6.51 -3.80 11.23
CA LYS A 14 7.85 -3.66 11.76
C LYS A 14 8.96 -3.93 10.74
N HIS A 15 8.76 -4.89 9.84
CA HIS A 15 9.78 -5.28 8.91
C HIS A 15 9.65 -4.66 7.52
N ASN A 16 8.45 -4.30 7.10
CA ASN A 16 8.22 -3.92 5.71
C ASN A 16 7.41 -2.68 5.52
N SER A 17 7.24 -1.87 6.56
CA SER A 17 6.60 -0.59 6.34
C SER A 17 7.46 0.56 6.80
N CYS A 18 7.16 1.73 6.25
CA CYS A 18 7.85 2.95 6.63
C CYS A 18 6.88 4.11 6.41
N VAL A 19 7.23 5.27 6.95
CA VAL A 19 6.46 6.47 6.67
C VAL A 19 7.15 7.22 5.54
N ILE A 20 6.45 7.45 4.44
CA ILE A 20 7.01 8.22 3.35
C ILE A 20 6.40 9.62 3.39
N THR A 21 7.27 10.63 3.42
CA THR A 21 6.81 12.01 3.35
C THR A 21 7.12 12.61 2.01
N THR A 22 6.09 13.19 1.40
CA THR A 22 6.20 13.95 0.16
C THR A 22 5.61 15.32 0.43
N GLU A 23 5.59 16.15 -0.61
CA GLU A 23 4.90 17.42 -0.53
C GLU A 23 3.38 17.27 -0.27
N ASN A 24 2.81 16.09 -0.53
CA ASN A 24 1.39 15.87 -0.26
C ASN A 24 1.05 15.25 1.08
N GLY A 25 2.05 15.05 1.94
CA GLY A 25 1.84 14.62 3.30
C GLY A 25 2.55 13.30 3.55
N LYS A 26 2.07 12.59 4.57
CA LYS A 26 2.68 11.35 5.03
C LYS A 26 1.85 10.17 4.63
N PHE A 27 2.52 9.17 4.08
CA PHE A 27 1.89 7.96 3.58
C PHE A 27 2.57 6.74 4.17
N THR A 28 1.82 5.68 4.37
CA THR A 28 2.45 4.40 4.69
C THR A 28 3.08 3.86 3.43
N GLY A 29 4.35 3.47 3.51
CA GLY A 29 5.01 2.90 2.38
C GLY A 29 5.22 1.43 2.64
N LEU A 30 5.03 0.60 1.62
CA LEU A 30 5.30 -0.82 1.74
C LEU A 30 6.64 -1.15 1.09
N GLY A 31 7.57 -1.67 1.88
CA GLY A 31 8.83 -2.18 1.36
C GLY A 31 8.62 -3.56 0.79
N VAL A 32 8.87 -3.71 -0.51
CA VAL A 32 8.57 -4.97 -1.18
C VAL A 32 9.77 -5.93 -1.10
N TYR A 33 10.96 -5.41 -1.41
CA TYR A 33 12.18 -6.14 -1.25
C TYR A 33 13.31 -5.16 -1.52
N ASP A 34 14.47 -5.42 -0.91
CA ASP A 34 15.67 -4.61 -1.13
C ASP A 34 15.38 -3.14 -0.97
N ARG A 35 15.63 -2.31 -1.98
CA ARG A 35 15.39 -0.88 -1.81
C ARG A 35 14.12 -0.40 -2.51
N PHE A 36 13.22 -1.32 -2.83
CA PHE A 36 11.96 -0.99 -3.49
C PHE A 36 10.80 -0.82 -2.53
N VAL A 37 10.13 0.33 -2.65
CA VAL A 37 8.96 0.68 -1.86
CA VAL A 37 8.93 0.62 -1.88
C VAL A 37 7.82 1.03 -2.81
N VAL A 38 6.59 0.72 -2.42
CA VAL A 38 5.44 1.22 -3.18
C VAL A 38 4.70 2.23 -2.33
N VAL A 39 4.13 3.21 -3.00
CA VAL A 39 3.30 4.24 -2.37
CA VAL A 39 3.34 4.25 -2.36
C VAL A 39 2.17 4.56 -3.32
N PRO A 40 1.06 5.10 -2.81
CA PRO A 40 0.02 5.53 -3.73
C PRO A 40 0.53 6.61 -4.66
N THR A 41 0.08 6.56 -5.90
CA THR A 41 0.62 7.47 -6.91
C THR A 41 0.31 8.92 -6.56
N HIS A 42 -0.85 9.14 -5.92
CA HIS A 42 -1.27 10.50 -5.59
C HIS A 42 -0.42 11.15 -4.49
N ALA A 43 0.51 10.37 -3.91
CA ALA A 43 1.48 10.94 -3.00
C ALA A 43 2.43 11.82 -3.79
N ASP A 44 2.51 11.60 -5.11
CA ASP A 44 3.40 12.40 -5.98
C ASP A 44 4.83 12.61 -5.41
N PRO A 45 5.54 11.49 -5.17
CA PRO A 45 6.92 11.57 -4.68
C PRO A 45 7.79 12.21 -5.75
N GLY A 46 8.68 13.10 -5.31
CA GLY A 46 9.64 13.71 -6.20
C GLY A 46 10.99 13.02 -6.18
N LYS A 47 12.03 13.76 -6.53
CA LYS A 47 13.40 13.22 -6.59
C LYS A 47 13.97 12.93 -5.20
N GLU A 48 13.43 13.59 -4.17
CA GLU A 48 13.78 13.31 -2.79
C GLU A 48 12.50 13.16 -2.00
N ILE A 49 12.51 12.23 -1.05
CA ILE A 49 11.39 12.03 -0.16
C ILE A 49 11.96 11.96 1.25
N GLN A 50 11.11 11.85 2.25
CA GLN A 50 11.59 11.39 3.55
C GLN A 50 11.14 9.96 3.77
N VAL A 51 12.02 9.12 4.30
CA VAL A 51 11.66 7.78 4.76
C VAL A 51 11.90 7.75 6.27
N ASP A 52 10.82 7.63 7.03
CA ASP A 52 10.90 7.75 8.50
C ASP A 52 11.66 9.00 8.95
N GLY A 53 11.35 10.11 8.28
CA GLY A 53 11.91 11.42 8.58
C GLY A 53 13.30 11.69 8.02
N ILE A 54 13.86 10.71 7.31
CA ILE A 54 15.23 10.82 6.79
C ILE A 54 15.12 11.18 5.32
N THR A 55 15.74 12.28 4.94
CA THR A 55 15.76 12.70 3.55
C THR A 55 16.49 11.66 2.72
N THR A 56 15.84 11.19 1.66
CA THR A 56 16.32 10.04 0.90
C THR A 56 16.14 10.34 -0.59
N LYS A 57 17.18 10.12 -1.37
CA LYS A 57 17.10 10.26 -2.83
C LYS A 57 16.36 9.08 -3.43
N VAL A 58 15.52 9.38 -4.40
CA VAL A 58 14.80 8.37 -5.18
C VAL A 58 15.65 8.12 -6.43
N ILE A 59 16.19 6.91 -6.52
CA ILE A 59 17.04 6.56 -7.64
C ILE A 59 16.22 6.46 -8.92
N ASP A 60 15.09 5.81 -8.85
CA ASP A 60 14.13 5.87 -9.95
C ASP A 60 12.74 5.56 -9.46
N SER A 61 11.75 5.99 -10.24
CA SER A 61 10.39 5.71 -9.88
C SER A 61 9.58 5.57 -11.13
N TYR A 62 8.48 4.85 -11.00
CA TYR A 62 7.57 4.68 -12.10
C TYR A 62 6.17 4.34 -11.57
N ASP A 63 5.18 4.87 -12.27
CA ASP A 63 3.80 4.60 -12.00
C ASP A 63 3.35 3.38 -12.79
N LEU A 64 2.41 2.62 -12.21
CA LEU A 64 1.86 1.44 -12.91
C LEU A 64 0.50 1.75 -13.52
N TYR A 65 0.19 1.07 -14.63
CA TYR A 65 -1.02 1.28 -15.43
C TYR A 65 -1.61 -0.06 -15.81
N ASN A 66 -2.91 -0.08 -16.10
CA ASN A 66 -3.55 -1.28 -16.59
C ASN A 66 -3.36 -1.39 -18.11
N LYS A 67 -4.01 -2.38 -18.72
CA LYS A 67 -3.84 -2.64 -20.16
C LYS A 67 -4.34 -1.52 -21.06
N ASN A 68 -5.22 -0.66 -20.57
CA ASN A 68 -5.71 0.49 -21.34
C ASN A 68 -5.16 1.81 -20.87
N GLY A 69 -4.05 1.78 -20.14
CA GLY A 69 -3.36 2.97 -19.73
C GLY A 69 -3.98 3.69 -18.56
N ILE A 70 -4.88 3.02 -17.84
CA ILE A 70 -5.49 3.62 -16.66
C ILE A 70 -4.57 3.38 -15.47
N LYS A 71 -4.31 4.44 -14.72
CA LYS A 71 -3.45 4.32 -13.55
C LYS A 71 -3.95 3.27 -12.54
N LEU A 72 -3.00 2.54 -11.95
CA LEU A 72 -3.31 1.58 -10.89
C LEU A 72 -3.23 2.21 -9.50
N GLU A 73 -2.74 3.46 -9.44
CA GLU A 73 -2.49 4.22 -8.22
C GLU A 73 -1.37 3.60 -7.40
N ILE A 74 -0.53 2.81 -8.05
CA ILE A 74 0.70 2.34 -7.44
C ILE A 74 1.88 2.97 -8.14
N THR A 75 2.80 3.46 -7.33
CA THR A 75 4.07 3.99 -7.77
C THR A 75 5.14 3.20 -7.08
N VAL A 76 6.13 2.73 -7.86
CA VAL A 76 7.29 2.01 -7.36
C VAL A 76 8.48 2.96 -7.27
N LEU A 77 9.16 2.96 -6.12
CA LEU A 77 10.34 3.80 -5.91
C LEU A 77 11.50 2.91 -5.56
N LYS A 78 12.67 3.18 -6.17
CA LYS A 78 13.89 2.57 -5.72
C LYS A 78 14.68 3.62 -4.92
N LEU A 79 14.97 3.31 -3.66
CA LEU A 79 15.52 4.28 -2.74
C LEU A 79 17.04 4.17 -2.60
N ASP A 80 17.68 5.32 -2.44
CA ASP A 80 19.11 5.40 -2.22
C ASP A 80 19.36 5.33 -0.71
N ARG A 81 19.32 4.13 -0.16
CA ARG A 81 19.54 3.94 1.28
C ARG A 81 20.22 2.62 1.48
N ASN A 82 20.88 2.49 2.61
CA ASN A 82 21.64 1.27 2.88
C ASN A 82 20.73 0.09 3.24
N GLU A 83 19.70 0.34 4.02
CA GLU A 83 18.83 -0.72 4.53
C GLU A 83 18.15 -1.44 3.36
N LYS A 84 18.09 -2.77 3.45
CA LYS A 84 17.30 -3.59 2.51
C LYS A 84 16.08 -4.16 3.22
N PHE A 85 14.93 -4.14 2.54
CA PHE A 85 13.71 -4.76 3.07
C PHE A 85 13.76 -6.25 2.87
N ARG A 86 13.22 -6.97 3.86
CA ARG A 86 12.92 -8.39 3.70
C ARG A 86 12.02 -8.60 2.48
N ASP A 87 12.32 -9.60 1.68
CA ASP A 87 11.57 -9.85 0.45
C ASP A 87 10.23 -10.46 0.80
N ILE A 88 9.15 -9.72 0.55
CA ILE A 88 7.80 -10.26 0.79
C ILE A 88 7.04 -10.61 -0.48
N ARG A 89 7.73 -10.67 -1.62
CA ARG A 89 7.03 -10.94 -2.87
C ARG A 89 6.28 -12.26 -2.88
N ARG A 90 6.75 -13.28 -2.15
CA ARG A 90 6.06 -14.56 -2.17
C ARG A 90 4.69 -14.49 -1.49
N TYR A 91 4.45 -13.43 -0.72
CA TYR A 91 3.16 -13.22 -0.11
C TYR A 91 2.19 -12.47 -1.03
N ILE A 92 2.66 -11.98 -2.16
CA ILE A 92 1.81 -11.18 -3.07
C ILE A 92 1.14 -12.14 -4.04
N PRO A 93 -0.19 -12.05 -4.18
CA PRO A 93 -0.90 -12.94 -5.10
C PRO A 93 -0.46 -12.81 -6.54
N ASN A 94 -0.60 -13.90 -7.27
CA ASN A 94 -0.43 -13.84 -8.73
C ASN A 94 -1.58 -13.20 -9.49
N ASN A 95 -2.80 -13.38 -8.98
CA ASN A 95 -4.01 -13.04 -9.69
C ASN A 95 -4.95 -12.19 -8.87
N GLU A 96 -5.88 -11.54 -9.55
CA GLU A 96 -6.99 -10.84 -8.92
C GLU A 96 -7.90 -11.85 -8.24
N ASP A 97 -8.42 -11.47 -7.08
CA ASP A 97 -9.32 -12.36 -6.35
C ASP A 97 -10.13 -11.54 -5.36
N ASP A 98 -11.14 -12.18 -4.77
CA ASP A 98 -11.82 -11.68 -3.59
C ASP A 98 -11.19 -12.33 -2.36
N TYR A 99 -11.28 -11.70 -1.20
CA TYR A 99 -10.66 -12.20 0.02
C TYR A 99 -11.50 -11.94 1.26
N PRO A 100 -11.82 -13.00 2.00
CA PRO A 100 -12.57 -12.80 3.23
C PRO A 100 -11.70 -12.28 4.37
N ASN A 101 -12.29 -11.47 5.25
CA ASN A 101 -11.72 -11.15 6.55
C ASN A 101 -10.29 -10.57 6.49
N CYS A 102 -10.14 -9.46 5.79
CA CYS A 102 -8.86 -8.81 5.65
C CYS A 102 -8.67 -7.76 6.72
N ASN A 103 -7.40 -7.41 6.94
CA ASN A 103 -7.01 -6.34 7.80
C ASN A 103 -6.24 -5.28 7.01
N LEU A 104 -6.17 -4.09 7.57
CA LEU A 104 -5.33 -3.01 7.10
C LEU A 104 -4.28 -2.71 8.15
N ALA A 105 -3.04 -2.60 7.72
CA ALA A 105 -1.90 -2.27 8.58
C ALA A 105 -1.47 -0.84 8.33
N LEU A 106 -1.56 -0.01 9.37
CA LEU A 106 -1.34 1.42 9.24
C LEU A 106 -0.14 1.89 10.05
N LEU A 107 0.68 2.77 9.45
CA LEU A 107 1.81 3.34 10.20
C LEU A 107 1.75 4.86 10.16
N ALA A 108 1.76 5.43 8.97
CA ALA A 108 1.72 6.90 8.83
C ALA A 108 0.45 7.51 9.43
N ASN A 109 0.62 8.65 10.10
CA ASN A 109 -0.50 9.46 10.60
C ASN A 109 -1.22 8.85 11.81
N GLN A 110 -0.66 7.79 12.37
CA GLN A 110 -1.23 7.12 13.54
C GLN A 110 -0.28 7.37 14.71
N PRO A 111 -0.82 7.45 15.93
CA PRO A 111 0.09 7.62 17.10
C PRO A 111 1.00 6.39 17.31
N GLU A 112 0.50 5.23 16.91
CA GLU A 112 1.25 3.97 17.03
C GLU A 112 0.83 3.07 15.88
N PRO A 113 1.66 2.07 15.52
CA PRO A 113 1.26 1.12 14.51
C PRO A 113 -0.11 0.53 14.83
N THR A 114 -0.97 0.47 13.83
CA THR A 114 -2.38 0.19 14.03
C THR A 114 -2.84 -0.87 13.04
N ILE A 115 -3.62 -1.85 13.52
CA ILE A 115 -4.17 -2.91 12.70
C ILE A 115 -5.69 -2.77 12.79
N ILE A 116 -6.33 -2.65 11.64
CA ILE A 116 -7.79 -2.51 11.53
C ILE A 116 -8.36 -3.71 10.79
N ASN A 117 -9.51 -4.23 11.25
CA ASN A 117 -10.19 -5.30 10.54
C ASN A 117 -11.20 -4.70 9.61
N VAL A 118 -10.95 -4.79 8.30
CA VAL A 118 -11.84 -4.13 7.32
C VAL A 118 -12.88 -5.08 6.77
N GLY A 119 -12.76 -6.35 7.09
CA GLY A 119 -13.73 -7.35 6.66
C GLY A 119 -13.46 -7.90 5.26
N ASP A 120 -14.52 -8.37 4.63
CA ASP A 120 -14.43 -9.00 3.33
C ASP A 120 -14.11 -8.00 2.22
N VAL A 121 -13.28 -8.43 1.28
CA VAL A 121 -12.74 -7.60 0.22
C VAL A 121 -13.14 -8.22 -1.11
N VAL A 122 -13.60 -7.39 -2.03
CA VAL A 122 -13.87 -7.85 -3.40
C VAL A 122 -13.06 -7.09 -4.45
N SER A 123 -12.70 -7.81 -5.52
CA SER A 123 -12.12 -7.18 -6.70
C SER A 123 -13.25 -6.38 -7.38
N TYR A 124 -13.08 -5.06 -7.48
CA TYR A 124 -14.20 -4.17 -7.81
C TYR A 124 -14.15 -3.55 -9.20
N GLY A 125 -13.03 -3.72 -9.90
CA GLY A 125 -12.82 -3.09 -11.20
C GLY A 125 -12.27 -1.68 -11.11
N ASN A 126 -12.74 -0.81 -12.00
CA ASN A 126 -12.28 0.58 -12.07
C ASN A 126 -13.25 1.52 -11.36
N ILE A 127 -12.70 2.52 -10.69
CA ILE A 127 -13.50 3.54 -10.05
C ILE A 127 -12.99 4.92 -10.43
N LEU A 128 -13.75 5.93 -10.05
CA LEU A 128 -13.28 7.31 -10.10
C LEU A 128 -12.85 7.72 -8.70
N LEU A 129 -11.57 8.04 -8.52
CA LEU A 129 -11.06 8.50 -7.20
C LEU A 129 -10.69 9.95 -7.37
N SER A 130 -11.37 10.82 -6.63
CA SER A 130 -11.28 12.28 -6.77
C SER A 130 -11.34 12.65 -8.23
N GLY A 131 -12.28 12.04 -8.95
CA GLY A 131 -12.51 12.32 -10.35
C GLY A 131 -11.62 11.64 -11.36
N ASN A 132 -10.65 10.82 -10.91
CA ASN A 132 -9.65 10.21 -11.81
C ASN A 132 -9.87 8.71 -11.94
N GLN A 133 -9.92 8.21 -13.17
CA GLN A 133 -10.10 6.78 -13.39
C GLN A 133 -8.93 6.02 -12.80
N THR A 134 -9.25 4.99 -12.02
CA THR A 134 -8.28 4.18 -11.34
C THR A 134 -8.70 2.71 -11.48
N ALA A 135 -7.74 1.87 -11.83
CA ALA A 135 -8.04 0.48 -12.16
C ALA A 135 -7.59 -0.52 -11.08
N ARG A 136 -8.13 -1.74 -11.17
CA ARG A 136 -7.77 -2.89 -10.32
C ARG A 136 -7.92 -2.61 -8.86
N MET A 137 -9.09 -2.13 -8.49
CA MET A 137 -9.39 -1.79 -7.10
C MET A 137 -9.90 -3.02 -6.32
N LEU A 138 -9.54 -3.04 -5.06
CA LEU A 138 -10.10 -3.93 -4.07
C LEU A 138 -10.93 -3.09 -3.13
N LYS A 139 -12.18 -3.48 -2.93
CA LYS A 139 -13.14 -2.72 -2.14
C LYS A 139 -13.51 -3.44 -0.85
N TYR A 140 -13.61 -2.67 0.24
CA TYR A 140 -14.04 -3.17 1.54
C TYR A 140 -15.04 -2.18 2.10
N SER A 141 -15.93 -2.65 2.96
CA SER A 141 -16.91 -1.78 3.62
C SER A 141 -16.38 -1.45 5.00
N TYR A 142 -15.66 -0.34 5.08
CA TYR A 142 -15.10 0.13 6.35
C TYR A 142 -14.95 1.63 6.24
N PRO A 143 -15.29 2.36 7.32
CA PRO A 143 -15.16 3.82 7.32
C PRO A 143 -13.70 4.26 7.48
N THR A 144 -12.96 4.23 6.39
CA THR A 144 -11.57 4.65 6.42
C THR A 144 -11.47 6.17 6.59
N LYS A 145 -10.27 6.64 6.94
CA LYS A 145 -9.99 8.06 7.21
C LYS A 145 -8.87 8.57 6.33
N SER A 146 -8.75 9.89 6.25
CA SER A 146 -7.77 10.55 5.39
C SER A 146 -6.33 10.10 5.61
N GLY A 147 -5.95 9.84 6.84
CA GLY A 147 -4.55 9.42 7.10
C GLY A 147 -4.18 7.96 6.79
N TYR A 148 -5.09 7.22 6.16
CA TYR A 148 -4.89 5.77 5.98
C TYR A 148 -4.14 5.41 4.69
N CYS A 149 -3.87 6.40 3.82
CA CYS A 149 -3.28 6.06 2.53
C CYS A 149 -1.90 5.41 2.62
N GLY A 150 -1.75 4.38 1.79
CA GLY A 150 -0.59 3.52 1.81
C GLY A 150 -0.72 2.35 2.74
N GLY A 151 -1.75 2.37 3.59
CA GLY A 151 -2.01 1.27 4.55
C GLY A 151 -2.07 -0.05 3.84
N VAL A 152 -1.48 -1.08 4.44
CA VAL A 152 -1.30 -2.33 3.73
C VAL A 152 -2.46 -3.29 4.00
N LEU A 153 -3.15 -3.65 2.94
CA LEU A 153 -4.25 -4.60 3.05
C LEU A 153 -3.66 -6.00 3.02
N TYR A 154 -4.02 -6.83 4.00
CA TYR A 154 -3.40 -8.13 4.12
C TYR A 154 -4.28 -9.18 4.82
N LYS A 155 -3.87 -10.43 4.67
CA LYS A 155 -4.34 -11.55 5.49
C LYS A 155 -3.08 -12.30 5.90
N ILE A 156 -3.21 -13.28 6.79
CA ILE A 156 -2.01 -14.04 7.15
C ILE A 156 -1.32 -14.59 5.92
N GLY A 157 -0.04 -14.26 5.75
CA GLY A 157 0.77 -14.73 4.63
C GLY A 157 0.39 -14.19 3.26
N GLN A 158 -0.40 -13.11 3.22
CA GLN A 158 -0.89 -12.56 1.95
C GLN A 158 -0.88 -11.03 2.03
N VAL A 159 -0.06 -10.43 1.18
CA VAL A 159 0.04 -8.97 1.09
C VAL A 159 -0.72 -8.56 -0.16
N LEU A 160 -1.89 -7.94 0.04
CA LEU A 160 -2.92 -7.84 -1.00
C LEU A 160 -3.04 -6.50 -1.71
N GLY A 161 -2.73 -5.41 -1.03
CA GLY A 161 -2.97 -4.12 -1.61
C GLY A 161 -2.51 -2.98 -0.75
N ILE A 162 -2.64 -1.77 -1.28
CA ILE A 162 -2.36 -0.56 -0.50
C ILE A 162 -3.55 0.39 -0.58
N HIS A 163 -3.91 0.95 0.56
CA HIS A 163 -5.09 1.80 0.65
C HIS A 163 -4.88 3.12 -0.09
N VAL A 164 -5.83 3.43 -0.98
CA VAL A 164 -5.74 4.63 -1.81
C VAL A 164 -6.93 5.60 -1.72
N GLY A 165 -8.06 5.17 -1.19
CA GLY A 165 -9.15 6.10 -1.04
C GLY A 165 -10.40 5.53 -0.42
N GLY A 166 -11.42 6.36 -0.32
CA GLY A 166 -12.69 5.90 0.22
C GLY A 166 -13.65 7.05 0.30
N ASN A 167 -14.87 6.75 0.71
CA ASN A 167 -15.95 7.73 0.81
C ASN A 167 -16.65 7.79 2.17
N GLY A 168 -16.10 7.15 3.18
CA GLY A 168 -16.73 7.12 4.52
C GLY A 168 -17.51 5.85 4.80
N ARG A 169 -17.92 5.15 3.74
CA ARG A 169 -18.61 3.87 3.85
C ARG A 169 -17.75 2.75 3.29
N ASP A 170 -17.17 3.01 2.13
CA ASP A 170 -16.29 2.07 1.43
C ASP A 170 -14.86 2.57 1.40
N GLY A 171 -13.94 1.62 1.43
CA GLY A 171 -12.52 1.86 1.29
C GLY A 171 -12.00 1.08 0.09
N PHE A 172 -10.94 1.60 -0.51
CA PHE A 172 -10.36 1.01 -1.69
C PHE A 172 -8.86 0.93 -1.60
N SER A 173 -8.34 -0.23 -1.99
CA SER A 173 -6.92 -0.48 -2.17
C SER A 173 -6.58 -0.79 -3.63
N ALA A 174 -5.38 -0.35 -4.02
CA ALA A 174 -4.76 -0.78 -5.24
C ALA A 174 -4.25 -2.20 -5.03
N MET A 175 -4.60 -3.08 -5.94
CA MET A 175 -4.21 -4.48 -5.88
C MET A 175 -2.72 -4.63 -6.08
N LEU A 176 -2.08 -5.46 -5.26
CA LEU A 176 -0.70 -5.85 -5.52
C LEU A 176 -0.69 -7.23 -6.19
N LEU A 177 0.01 -7.33 -7.32
CA LEU A 177 0.21 -8.58 -8.03
C LEU A 177 1.68 -8.88 -8.16
N ARG A 178 2.05 -10.16 -8.06
CA ARG A 178 3.45 -10.49 -7.95
C ARG A 178 4.22 -10.11 -9.22
N SER A 179 3.55 -10.20 -10.36
CA SER A 179 4.19 -9.87 -11.64
C SER A 179 4.66 -8.42 -11.75
N TYR A 180 4.13 -7.53 -10.90
CA TYR A 180 4.59 -6.14 -10.92
C TYR A 180 6.03 -6.02 -10.49
N PHE A 181 6.52 -7.01 -9.74
CA PHE A 181 7.77 -6.87 -9.01
C PHE A 181 8.80 -7.90 -9.36
N THR A 182 8.53 -8.68 -10.40
CA THR A 182 9.38 -9.82 -10.72
C THR A 182 9.85 -9.70 -12.15
#